data_7XUV
#
_entry.id   7XUV
#
_cell.length_a   40.930
_cell.length_b   50.263
_cell.length_c   52.308
_cell.angle_alpha   90.000
_cell.angle_beta   90.000
_cell.angle_gamma   90.000
#
_symmetry.space_group_name_H-M   'P 21 21 21'
#
loop_
_entity.id
_entity.type
_entity.pdbx_description
1 polymer 'Replication protein A 70 kDa DNA-binding subunit'
2 polymer 'RecQ-mediated genome instability protein 1'
3 water water
#
loop_
_entity_poly.entity_id
_entity_poly.type
_entity_poly.pdbx_seq_one_letter_code
_entity_poly.pdbx_strand_id
1 'polypeptide(L)'
;MVGQLSEGAIAAIMQKGDTNIKPILQVINIRPITTGNSPPRYRLLMSDGLNTLSSFMLATQLNPLVEEEQLSSNCVCQIH
RFIVNTLKDGRRVVILMELEVLKSAEAVGVKIGNPVPYNE
;
A
2 'polypeptide(L)' SGSDEELLASLDENDELTANND B
#
# COMPACT_ATOMS: atom_id res chain seq x y z
N MET A 1 -5.26 16.09 -11.92
CA MET A 1 -5.77 14.97 -11.14
C MET A 1 -4.91 14.55 -9.95
N VAL A 2 -3.71 15.11 -9.78
CA VAL A 2 -2.96 14.72 -8.59
C VAL A 2 -3.66 15.24 -7.34
N GLY A 3 -4.44 16.32 -7.47
CA GLY A 3 -5.26 16.84 -6.38
C GLY A 3 -6.39 15.93 -5.95
N GLN A 4 -6.59 14.81 -6.63
CA GLN A 4 -7.54 13.79 -6.19
C GLN A 4 -6.93 12.82 -5.19
N LEU A 5 -5.62 12.88 -4.98
CA LEU A 5 -4.92 11.95 -4.11
C LEU A 5 -4.33 12.68 -2.92
N SER A 6 -4.08 11.92 -1.86
CA SER A 6 -3.56 12.47 -0.61
C SER A 6 -2.06 12.72 -0.69
N GLU A 7 -1.70 13.73 -1.47
CA GLU A 7 -0.29 14.02 -1.70
C GLU A 7 0.40 14.29 -0.37
N GLY A 8 1.51 13.60 -0.11
CA GLY A 8 2.21 13.73 1.14
C GLY A 8 1.92 12.65 2.15
N ALA A 9 0.91 11.81 1.90
CA ALA A 9 0.55 10.76 2.86
C ALA A 9 1.66 9.71 2.97
N ILE A 10 2.33 9.39 1.86
CA ILE A 10 3.36 8.37 1.94
C ILE A 10 4.53 8.85 2.79
N ALA A 11 4.97 10.10 2.57
CA ALA A 11 6.03 10.65 3.40
C ALA A 11 5.60 10.71 4.86
N ALA A 12 4.33 11.03 5.11
CA ALA A 12 3.83 11.14 6.47
C ALA A 12 3.82 9.79 7.17
N ILE A 13 3.40 8.73 6.48
CA ILE A 13 3.42 7.40 7.10
C ILE A 13 4.87 6.99 7.36
N MET A 14 5.75 7.25 6.39
CA MET A 14 7.13 6.80 6.53
C MET A 14 7.87 7.56 7.61
N GLN A 15 7.49 8.82 7.86
CA GLN A 15 8.19 9.65 8.84
C GLN A 15 7.50 9.62 10.21
N LYS A 16 6.24 10.03 10.25
CA LYS A 16 5.56 10.15 11.54
C LYS A 16 4.96 8.83 12.02
N GLY A 17 4.65 7.91 11.09
CA GLY A 17 4.13 6.60 11.46
C GLY A 17 2.72 6.59 11.96
N ASP A 18 2.01 7.71 11.89
CA ASP A 18 0.68 7.80 12.46
C ASP A 18 -0.32 7.07 11.57
N THR A 19 -1.29 6.40 12.20
CA THR A 19 -2.31 5.67 11.47
C THR A 19 -3.69 6.32 11.57
N ASN A 20 -3.77 7.52 12.15
CA ASN A 20 -5.02 8.25 12.29
C ASN A 20 -5.37 9.05 11.04
N ILE A 21 -5.00 8.57 9.87
CA ILE A 21 -5.32 9.24 8.62
C ILE A 21 -6.01 8.22 7.72
N LYS A 22 -6.76 8.75 6.75
CA LYS A 22 -7.53 7.93 5.82
C LYS A 22 -7.15 8.31 4.39
N PRO A 23 -5.91 8.07 3.99
CA PRO A 23 -5.41 8.65 2.74
C PRO A 23 -6.08 8.03 1.54
N ILE A 24 -6.22 8.85 0.51
CA ILE A 24 -6.74 8.43 -0.79
C ILE A 24 -5.52 8.21 -1.68
N LEU A 25 -5.37 6.98 -2.18
CA LEU A 25 -4.18 6.58 -2.91
C LEU A 25 -4.58 5.90 -4.20
N GLN A 26 -3.66 5.90 -5.17
CA GLN A 26 -3.86 5.13 -6.40
C GLN A 26 -3.04 3.85 -6.36
N VAL A 27 -3.65 2.75 -6.76
CA VAL A 27 -2.91 1.51 -6.91
C VAL A 27 -2.15 1.60 -8.22
N ILE A 28 -0.85 1.34 -8.17
CA ILE A 28 -0.08 1.27 -9.40
C ILE A 28 -0.01 -0.16 -9.90
N ASN A 29 0.29 -1.10 -8.99
CA ASN A 29 0.29 -2.50 -9.36
C ASN A 29 0.22 -3.38 -8.11
N ILE A 30 -0.03 -4.66 -8.35
CA ILE A 30 -0.29 -5.66 -7.30
C ILE A 30 0.47 -6.93 -7.68
N ARG A 31 1.09 -7.57 -6.68
CA ARG A 31 1.90 -8.77 -6.91
C ARG A 31 1.71 -9.71 -5.72
N PRO A 32 1.44 -11.00 -5.93
CA PRO A 32 1.51 -11.94 -4.82
C PRO A 32 2.98 -12.18 -4.46
N ILE A 33 3.25 -12.27 -3.16
CA ILE A 33 4.62 -12.50 -2.72
C ILE A 33 4.77 -13.82 -1.97
N THR A 34 3.72 -14.61 -1.88
CA THR A 34 3.81 -15.93 -1.26
C THR A 34 4.02 -16.97 -2.36
N PRO A 39 -2.34 -19.69 0.48
CA PRO A 39 -3.12 -18.47 0.69
C PRO A 39 -2.32 -17.23 0.32
N PRO A 40 -2.65 -16.59 -0.80
CA PRO A 40 -1.77 -15.56 -1.35
C PRO A 40 -1.77 -14.31 -0.49
N ARG A 41 -0.61 -13.66 -0.43
CA ARG A 41 -0.49 -12.34 0.19
C ARG A 41 -0.05 -11.36 -0.89
N TYR A 42 -0.81 -10.29 -1.04
CA TYR A 42 -0.60 -9.34 -2.11
C TYR A 42 0.21 -8.14 -1.64
N ARG A 43 1.20 -7.77 -2.45
CA ARG A 43 2.03 -6.59 -2.23
C ARG A 43 1.63 -5.56 -3.26
N LEU A 44 1.39 -4.33 -2.81
CA LEU A 44 0.87 -3.27 -3.65
C LEU A 44 1.88 -2.15 -3.75
N LEU A 45 2.15 -1.69 -4.97
CA LEU A 45 2.82 -0.42 -5.19
C LEU A 45 1.74 0.65 -5.19
N MET A 46 1.81 1.56 -4.22
CA MET A 46 0.81 2.62 -4.12
C MET A 46 1.41 3.98 -4.39
N SER A 47 0.53 4.89 -4.82
CA SER A 47 0.92 6.26 -5.15
C SER A 47 0.02 7.25 -4.42
N ASP A 48 0.63 8.30 -3.87
CA ASP A 48 -0.14 9.44 -3.36
C ASP A 48 -0.07 10.63 -4.31
N GLY A 49 0.34 10.39 -5.56
CA GLY A 49 0.47 11.40 -6.58
C GLY A 49 1.82 12.07 -6.59
N LEU A 50 2.47 12.14 -5.44
CA LEU A 50 3.82 12.68 -5.26
C LEU A 50 4.86 11.57 -5.22
N ASN A 51 4.61 10.52 -4.44
CA ASN A 51 5.53 9.41 -4.28
C ASN A 51 4.83 8.09 -4.56
N THR A 52 5.63 7.10 -4.93
CA THR A 52 5.21 5.70 -4.89
C THR A 52 5.97 4.97 -3.80
N LEU A 53 5.38 3.88 -3.31
CA LEU A 53 5.98 3.08 -2.25
C LEU A 53 5.41 1.68 -2.36
N SER A 54 6.28 0.67 -2.31
CA SER A 54 5.82 -0.68 -2.53
C SER A 54 5.73 -1.51 -1.25
N SER A 55 6.06 -0.94 -0.09
CA SER A 55 6.01 -1.73 1.14
C SER A 55 4.62 -1.79 1.73
N PHE A 56 3.61 -2.01 0.88
CA PHE A 56 2.23 -2.17 1.28
C PHE A 56 1.83 -3.63 1.11
N MET A 57 1.11 -4.15 2.09
CA MET A 57 0.60 -5.51 2.03
C MET A 57 -0.88 -5.50 2.38
N LEU A 58 -1.66 -6.31 1.67
CA LEU A 58 -3.09 -6.34 1.88
C LEU A 58 -3.44 -7.41 2.91
N ALA A 59 -4.32 -7.07 3.85
CA ALA A 59 -4.88 -8.09 4.72
C ALA A 59 -5.59 -9.14 3.86
N THR A 60 -5.40 -10.40 4.21
CA THR A 60 -5.93 -11.45 3.33
C THR A 60 -7.45 -11.46 3.28
N GLN A 61 -8.12 -10.87 4.29
CA GLN A 61 -9.57 -10.71 4.25
C GLN A 61 -10.02 -9.93 3.02
N LEU A 62 -9.14 -9.08 2.48
CA LEU A 62 -9.45 -8.25 1.32
C LEU A 62 -9.01 -8.90 0.00
N ASN A 63 -8.42 -10.08 0.05
CA ASN A 63 -8.03 -10.77 -1.18
C ASN A 63 -9.12 -10.81 -2.25
N PRO A 64 -10.39 -11.02 -1.94
CA PRO A 64 -11.40 -11.03 -3.02
C PRO A 64 -11.44 -9.77 -3.86
N LEU A 65 -11.08 -8.60 -3.29
CA LEU A 65 -11.07 -7.37 -4.08
C LEU A 65 -10.04 -7.45 -5.19
N VAL A 66 -8.89 -8.06 -4.91
CA VAL A 66 -7.88 -8.26 -5.94
C VAL A 66 -8.33 -9.32 -6.93
N GLU A 67 -8.85 -10.44 -6.42
CA GLU A 67 -9.12 -11.58 -7.28
C GLU A 67 -10.27 -11.28 -8.23
N GLU A 68 -11.18 -10.40 -7.85
CA GLU A 68 -12.29 -10.01 -8.72
C GLU A 68 -12.07 -8.66 -9.38
N GLU A 69 -10.84 -8.14 -9.32
CA GLU A 69 -10.36 -7.01 -10.13
C GLU A 69 -10.99 -5.68 -9.72
N GLN A 70 -11.52 -5.59 -8.51
CA GLN A 70 -12.06 -4.31 -8.05
C GLN A 70 -10.94 -3.43 -7.53
N LEU A 71 -9.98 -4.03 -6.85
CA LEU A 71 -8.71 -3.39 -6.52
C LEU A 71 -7.73 -3.85 -7.59
N SER A 72 -7.32 -2.93 -8.46
CA SER A 72 -6.47 -3.26 -9.59
C SER A 72 -5.69 -2.02 -10.01
N SER A 73 -4.71 -2.24 -10.88
CA SER A 73 -3.81 -1.19 -11.33
C SER A 73 -4.59 0.02 -11.85
N ASN A 74 -4.28 1.19 -11.30
CA ASN A 74 -4.77 2.52 -11.61
C ASN A 74 -6.09 2.85 -10.87
N CYS A 75 -6.72 1.90 -10.18
CA CYS A 75 -7.86 2.27 -9.38
C CYS A 75 -7.44 3.20 -8.24
N VAL A 76 -8.41 3.96 -7.75
CA VAL A 76 -8.20 4.90 -6.65
C VAL A 76 -9.02 4.44 -5.44
N CYS A 77 -8.38 4.40 -4.28
CA CYS A 77 -8.99 3.86 -3.07
C CYS A 77 -8.71 4.76 -1.89
N GLN A 78 -9.50 4.58 -0.83
CA GLN A 78 -9.30 5.31 0.42
C GLN A 78 -9.07 4.29 1.53
N ILE A 79 -7.95 4.44 2.23
CA ILE A 79 -7.61 3.52 3.30
C ILE A 79 -8.36 3.92 4.56
N HIS A 80 -9.07 2.97 5.16
CA HIS A 80 -9.81 3.24 6.38
C HIS A 80 -9.19 2.65 7.63
N ARG A 81 -8.33 1.64 7.51
CA ARG A 81 -7.62 1.09 8.66
C ARG A 81 -6.31 0.48 8.16
N PHE A 82 -5.20 0.86 8.79
CA PHE A 82 -3.93 0.24 8.44
C PHE A 82 -3.04 0.19 9.68
N ILE A 83 -2.05 -0.70 9.62
CA ILE A 83 -1.04 -0.87 10.66
C ILE A 83 0.33 -0.57 10.06
N VAL A 84 1.23 -0.05 10.89
CA VAL A 84 2.62 0.21 10.51
C VAL A 84 3.52 -0.71 11.34
N ASN A 85 4.43 -1.41 10.64
CA ASN A 85 5.47 -2.20 11.34
C ASN A 85 6.83 -1.69 10.86
N THR A 86 7.77 -1.48 11.76
CA THR A 86 9.08 -0.91 11.47
C THR A 86 10.13 -2.02 11.62
N LEU A 87 10.85 -2.29 10.54
CA LEU A 87 11.85 -3.35 10.47
C LEU A 87 13.19 -2.92 11.08
N LYS A 88 14.04 -3.93 11.35
CA LYS A 88 15.35 -3.67 11.95
C LYS A 88 16.16 -2.67 11.13
N ASP A 89 16.04 -2.73 9.80
CA ASP A 89 16.84 -1.90 8.93
C ASP A 89 16.26 -0.50 8.73
N GLY A 90 15.15 -0.17 9.40
CA GLY A 90 14.53 1.13 9.32
C GLY A 90 13.40 1.24 8.31
N ARG A 91 13.16 0.19 7.55
CA ARG A 91 12.05 0.19 6.60
C ARG A 91 10.74 0.06 7.34
N ARG A 92 9.70 0.70 6.81
CA ARG A 92 8.38 0.57 7.40
C ARG A 92 7.45 -0.13 6.43
N VAL A 93 6.69 -1.07 6.97
CA VAL A 93 5.74 -1.87 6.20
C VAL A 93 4.35 -1.45 6.63
N VAL A 94 3.46 -1.25 5.65
CA VAL A 94 2.07 -0.88 5.89
C VAL A 94 1.20 -2.08 5.54
N ILE A 95 0.38 -2.50 6.48
CA ILE A 95 -0.62 -3.54 6.23
C ILE A 95 -1.97 -2.86 6.08
N LEU A 96 -2.62 -3.04 4.93
CA LEU A 96 -3.91 -2.41 4.63
C LEU A 96 -5.03 -3.33 5.11
N MET A 97 -5.73 -2.92 6.18
CA MET A 97 -6.74 -3.72 6.85
C MET A 97 -8.14 -3.46 6.31
N GLU A 98 -8.45 -2.22 5.99
CA GLU A 98 -9.76 -1.85 5.49
C GLU A 98 -9.61 -0.72 4.49
N LEU A 99 -10.35 -0.79 3.39
CA LEU A 99 -10.27 0.29 2.42
C LEU A 99 -11.57 0.33 1.61
N GLU A 100 -11.77 1.46 0.94
CA GLU A 100 -12.91 1.66 0.04
C GLU A 100 -12.34 1.89 -1.36
N VAL A 101 -12.91 1.23 -2.36
CA VAL A 101 -12.55 1.53 -3.73
C VAL A 101 -13.45 2.65 -4.23
N LEU A 102 -12.85 3.81 -4.51
CA LEU A 102 -13.58 5.01 -4.89
C LEU A 102 -13.80 5.12 -6.38
N LYS A 103 -12.83 4.67 -7.18
CA LYS A 103 -12.95 4.79 -8.63
C LYS A 103 -12.19 3.66 -9.29
N SER A 104 -12.87 2.97 -10.20
CA SER A 104 -12.30 1.81 -10.84
C SER A 104 -11.10 2.18 -11.71
N ALA A 105 -10.20 1.23 -11.89
CA ALA A 105 -9.12 1.42 -12.86
C ALA A 105 -9.63 1.94 -14.19
N GLU A 106 -10.77 1.38 -14.60
CA GLU A 106 -11.34 1.74 -15.93
C GLU A 106 -11.84 3.18 -15.91
N ALA A 107 -12.37 3.63 -14.78
CA ALA A 107 -12.89 4.99 -14.69
C ALA A 107 -11.77 6.03 -14.52
N VAL A 108 -10.63 5.63 -13.97
CA VAL A 108 -9.51 6.58 -13.86
C VAL A 108 -8.75 6.65 -15.17
N GLY A 109 -8.30 5.49 -15.68
CA GLY A 109 -7.81 5.36 -17.03
C GLY A 109 -6.33 5.62 -17.23
N VAL A 110 -5.61 6.09 -16.21
CA VAL A 110 -4.21 6.48 -16.39
C VAL A 110 -3.56 6.45 -15.03
N LYS A 111 -2.23 6.35 -15.01
CA LYS A 111 -1.49 6.63 -13.79
C LYS A 111 -1.50 8.14 -13.57
N ILE A 112 -1.93 8.55 -12.37
CA ILE A 112 -2.13 9.96 -12.07
C ILE A 112 -0.77 10.60 -11.82
N GLY A 113 -0.45 11.62 -12.62
CA GLY A 113 0.76 12.38 -12.39
C GLY A 113 2.02 11.61 -12.70
N ASN A 114 3.11 12.01 -12.05
CA ASN A 114 4.42 11.42 -12.30
C ASN A 114 5.12 11.18 -10.97
N PRO A 115 4.53 10.36 -10.10
CA PRO A 115 5.14 10.13 -8.78
C PRO A 115 6.49 9.46 -8.89
N VAL A 116 7.36 9.77 -7.93
CA VAL A 116 8.71 9.21 -7.89
C VAL A 116 8.82 8.27 -6.70
N PRO A 117 9.60 7.21 -6.80
CA PRO A 117 9.72 6.29 -5.65
C PRO A 117 10.21 7.03 -4.42
N TYR A 118 9.56 6.74 -3.29
CA TYR A 118 9.92 7.39 -2.04
C TYR A 118 11.34 7.02 -1.62
N SER B 1 12.26 -0.73 -1.01
CA SER B 1 11.31 -0.49 0.12
C SER B 1 11.24 -1.73 0.99
N GLY B 2 11.93 -2.78 0.56
CA GLY B 2 11.98 -4.01 1.33
C GLY B 2 11.89 -5.26 0.46
N SER B 3 12.64 -6.30 0.83
CA SER B 3 12.47 -7.57 0.15
C SER B 3 11.10 -8.17 0.49
N ASP B 4 10.62 -9.06 -0.40
CA ASP B 4 9.41 -9.81 -0.07
C ASP B 4 9.59 -10.58 1.23
N GLU B 5 10.81 -11.08 1.46
CA GLU B 5 11.12 -11.84 2.66
C GLU B 5 10.97 -11.00 3.91
N GLU B 6 11.49 -9.78 3.92
CA GLU B 6 11.35 -9.01 5.15
C GLU B 6 9.94 -8.46 5.27
N LEU B 7 9.26 -8.21 4.15
CA LEU B 7 7.84 -7.90 4.23
C LEU B 7 7.09 -9.05 4.88
N LEU B 8 7.34 -10.28 4.42
CA LEU B 8 6.68 -11.41 5.06
C LEU B 8 7.16 -11.59 6.50
N ALA B 9 8.45 -11.34 6.76
CA ALA B 9 8.91 -11.44 8.14
C ALA B 9 8.25 -10.40 9.05
N SER B 10 7.87 -9.26 8.48
CA SER B 10 7.20 -8.22 9.25
C SER B 10 5.83 -8.64 9.78
N LEU B 11 5.25 -9.70 9.20
CA LEU B 11 3.94 -10.19 9.69
C LEU B 11 4.14 -10.94 11.01
N ASP B 12 5.38 -11.24 11.38
CA ASP B 12 5.64 -12.04 12.56
C ASP B 12 6.91 -11.46 13.17
N GLU B 13 6.72 -10.48 14.07
CA GLU B 13 7.85 -9.68 14.55
C GLU B 13 8.95 -10.55 15.18
N ASN B 14 8.60 -11.67 15.82
CA ASN B 14 9.65 -12.58 16.29
C ASN B 14 10.51 -13.08 15.14
N ASP B 15 9.91 -13.41 13.99
CA ASP B 15 10.74 -13.78 12.84
C ASP B 15 11.57 -12.62 12.34
N GLU B 16 11.03 -11.40 12.39
CA GLU B 16 11.80 -10.26 11.87
C GLU B 16 13.06 -9.97 12.69
N LEU B 17 13.07 -10.32 13.97
CA LEU B 17 14.23 -10.03 14.80
C LEU B 17 15.48 -10.76 14.32
N THR B 18 15.32 -11.96 13.76
CA THR B 18 16.44 -12.81 13.40
C THR B 18 16.57 -13.05 11.90
N ALA B 19 15.73 -12.43 11.08
CA ALA B 19 15.85 -12.53 9.63
C ALA B 19 17.11 -11.81 9.14
#